data_6BU9
#
_entry.id   6BU9
#
_cell.length_a   1
_cell.length_b   1
_cell.length_c   1
_cell.angle_alpha   90.00
_cell.angle_beta   90.00
_cell.angle_gamma   90.00
#
_symmetry.space_group_name_H-M   'P 1'
#
loop_
_entity.id
_entity.type
_entity.pdbx_description
1 polymer 'Dicer-2, isoform A'
2 polymer "RNA (5'-R(*GP*GP*AP*GP*GP*UP*AP*GP*UP*AP*GP*GP*UP*UP*GP*UP*AP*UP*AP*GP*UP*AP*GP*U)-3')"
3 polymer "RNA (5'-R(*AP*CP*UP*AP*CP*UP*AP*UP*AP*CP*AP*AP*CP*CP*UP*AP*C)-3')"
#
loop_
_entity_poly.entity_id
_entity_poly.type
_entity_poly.pdbx_seq_one_letter_code
_entity_poly.pdbx_strand_id
1 'polypeptide(L)'
;GPMEDVEIKPRGYQLRLVDHLTKSNGIVYLPTGSGKTFVAILVLKRFSQDFDKPIESGGKRALFMCNTVELARQQAMAVR
RCTNFKVGFYVGEQGVDDWTRGMWSDEIKKNQVLVGTAQVFLDMVTQTYVALSSLSVVIIDECHHGTGHHPFREFMRLFT
IANQTKLPRVVGLTGVLIKGNEITNVATKLKELEITYRGNIITVSDTKEMENVMLYATKPTEVMVSFPHQEQVLTVTRLI
SAEIEKFYVSLDLMNIGVQPIRRSKSLQCLRDPSKKSFVKQLFNDFLYQMKEYGIYAASIAIISLIVEFDIKRRQAETLS
VKLMHRTALTLCEKIRHLLVQKLQDMTYDDDDDNVNTEEVIMNFSTPKVQRFLMSLKVSFADKDPKDICCLVFVERRYTC
KCIYGLLLNYIQSTPELRNVLTPQFMVGRNNISPDFESVLERKWQKSAIQQFRDGNANLMICSSVLEEGIDVQACNHVFI
LDPVKTFNMYVQSKGRARTTEAKFVLFTADKEREKTIQQIYQYRKAHNDIAEYLKDRVLEKTEPELYEIKGHFQDDIDPF
TNENGAVLLPNNALAILHRYCQTIPTDAFGFVIPWFHVLQEDERDRIFGVSAKGKHVISINMPVNCMLRDTIYSDPMDNV
KTAKISAAFKACKVLYSLGELNERFVPKTLKERVASIADVHFEHWNKYGDSVTATVNKADKSKDRTYKTECPLEFYDALP
RVGEICYAYEIFLEPQFESCEYTEHMYLNLQTPRNYAILLRNKLPRLAEMPLFSNQGKLHVRVANAPLEVIIQNSEQLEL
LHQFHGMVFRDILKIWHPFFVLDRRSKENSYLVVPLILGAGEQKCFDWELMTNFRRLPQSHGSNVQQREQQPAPRPEDFE
GKIVTQWYANYDKPMLVTKVHRELTPLSYMEKNQQDKTYYEFTMSKYGNRIGDVVHKDKFMIEVRDLTEQLTFYVHNRGK
FNAKSKAKMKVILIPELCFNFNFPGDLWLKLIFLPSILNRMYFLLHAEALRKRFNTYLNLHLLPFNGTDYMPRPLEIDYS
LKRNVDPLGNVIPTEDIEEPKSLLEPMPTKSIEASVANLEITEFENPWQKYMEPVDLSRNLLSTYPVELDYYYHFSVGNV
CEMNEMDFEDKEYWAKNQFHMPTGNIYGNRTPAKTNANVPALMPSKPTVRGKVKPLLILQKTVSKEHITPAEQGEFLAAI
TASSAADVFDMERLEILGASFLKLSATLYLASKYSDWNEGTLTEVKSKLVSNRNLLFCLIDADIPKTLNTIQFTPRYTWL
PPGISLPHNVLALWRENPEFAKIIGPHNLRDLALGDEESLVKGNCSDINYNRFVEGCRANGQSFYAGADFSSEVNFCVGL
VTIPNKVIADTLEALLGVIVKNYGLQHAFKMLEYFKICRADIDKPLTQLLNLELGGKKMRANVNTTEIDGFLINHYYLEK
NLGYTFKDRRYLLQALTHPSYPTNRITGSYQELEFIGAAILDFLISAYIFENNTKMNPGALTDLRSALVNNTTLACICVR
HRLHFFILAENAKLSEIISKFVNFQESQGHRVTNYVRILLEEADVQPTPLDLDDELDMTELPHANKCISQEAEKGVPPKG
EFNMSTNVDVPKALGDVLEALIAAVYLDCRDLQRTWEVIFNLFEPELQEFTRKVPINHIRQLVEHKHAKPVFSSPIVEGE
TVMVSCQFTCMEKTIKVYGFGSNKDQAKLSAAKHALQQLSKCDA
;
A
2 'polyribonucleotide' GGAGGUAGUAGGUUGUAUAGUAGUAAGACCAGACCCUAGACCAAUUCAUGCC B
3 'polyribonucleotide' GGCAUGAAUUGGUCUAGGGUCUGGUCUUACUACUAUACAACCUACUACCUCC C
#
# COMPACT_ATOMS: atom_id res chain seq x y z
N MET A 3 -21.17 -9.21 12.82
CA MET A 3 -21.64 -10.29 11.97
C MET A 3 -22.76 -9.82 11.05
N GLU A 4 -23.05 -8.52 11.10
CA GLU A 4 -24.10 -7.94 10.27
C GLU A 4 -23.52 -7.53 8.92
N ASP A 5 -24.32 -6.85 8.11
CA ASP A 5 -23.91 -6.40 6.78
C ASP A 5 -24.20 -4.91 6.66
N VAL A 6 -23.23 -4.17 6.13
CA VAL A 6 -23.37 -2.73 5.94
C VAL A 6 -24.26 -2.46 4.73
N GLU A 7 -23.74 -2.78 3.53
CA GLU A 7 -24.48 -2.58 2.30
C GLU A 7 -24.63 -3.90 1.54
N ILE A 8 -23.56 -4.44 0.97
CA ILE A 8 -23.66 -5.71 0.26
C ILE A 8 -23.83 -6.86 1.26
N LYS A 9 -24.35 -7.97 0.76
CA LYS A 9 -24.55 -9.13 1.60
C LYS A 9 -23.20 -9.70 2.05
N PRO A 10 -23.07 -10.08 3.32
CA PRO A 10 -21.78 -10.60 3.80
C PRO A 10 -21.48 -11.97 3.19
N ARG A 11 -20.22 -12.14 2.78
CA ARG A 11 -19.80 -13.39 2.20
C ARG A 11 -19.65 -14.46 3.28
N GLY A 12 -19.69 -15.73 2.86
CA GLY A 12 -19.57 -16.83 3.79
C GLY A 12 -18.21 -16.89 4.47
N TYR A 13 -17.16 -16.47 3.77
CA TYR A 13 -15.83 -16.48 4.36
C TYR A 13 -15.64 -15.31 5.32
N GLN A 14 -16.26 -14.17 5.01
CA GLN A 14 -16.12 -13.00 5.89
C GLN A 14 -17.00 -13.14 7.13
N LEU A 15 -18.13 -13.84 7.00
CA LEU A 15 -19.02 -14.02 8.15
C LEU A 15 -18.47 -15.07 9.11
N ARG A 16 -17.80 -16.10 8.59
CA ARG A 16 -17.25 -17.14 9.46
C ARG A 16 -16.03 -16.64 10.21
N LEU A 17 -15.24 -15.75 9.59
CA LEU A 17 -14.05 -15.21 10.24
C LEU A 17 -14.40 -14.19 11.32
N VAL A 18 -15.50 -13.44 11.15
CA VAL A 18 -15.90 -12.44 12.12
C VAL A 18 -16.88 -12.98 13.15
N ASP A 19 -17.26 -14.26 13.05
CA ASP A 19 -18.19 -14.84 14.02
C ASP A 19 -17.54 -15.11 15.36
N HIS A 20 -16.30 -15.59 15.37
CA HIS A 20 -15.57 -15.88 16.60
C HIS A 20 -14.88 -14.66 17.18
N LEU A 21 -14.86 -13.54 16.47
CA LEU A 21 -14.22 -12.32 16.94
C LEU A 21 -15.18 -11.38 17.65
N THR A 22 -16.44 -11.78 17.81
CA THR A 22 -17.43 -10.96 18.50
C THR A 22 -17.00 -10.65 19.93
N LYS A 23 -16.94 -11.66 20.78
CA LYS A 23 -16.55 -11.50 22.17
C LYS A 23 -15.06 -11.73 22.41
N SER A 24 -14.31 -12.09 21.37
CA SER A 24 -12.88 -12.33 21.48
C SER A 24 -12.10 -11.16 20.88
N ASN A 25 -10.78 -11.26 20.91
CA ASN A 25 -9.89 -10.24 20.38
C ASN A 25 -8.74 -10.89 19.65
N GLY A 26 -8.41 -10.38 18.47
CA GLY A 26 -7.33 -10.93 17.69
C GLY A 26 -7.24 -10.23 16.35
N ILE A 27 -6.16 -10.55 15.63
CA ILE A 27 -5.91 -9.96 14.32
C ILE A 27 -6.80 -10.61 13.28
N VAL A 28 -7.14 -9.84 12.25
CA VAL A 28 -7.98 -10.31 11.15
C VAL A 28 -7.30 -9.92 9.84
N TYR A 29 -6.96 -10.91 9.03
CA TYR A 29 -6.30 -10.71 7.75
C TYR A 29 -7.20 -11.22 6.64
N LEU A 30 -7.52 -10.34 5.68
CA LEU A 30 -8.36 -10.68 4.55
C LEU A 30 -7.78 -10.07 3.28
N PRO A 31 -7.85 -10.78 2.16
CA PRO A 31 -7.32 -10.23 0.90
C PRO A 31 -8.22 -9.16 0.32
N THR A 32 -7.64 -8.38 -0.59
CA THR A 32 -8.39 -7.34 -1.27
C THR A 32 -9.46 -7.94 -2.16
N GLY A 33 -10.63 -7.29 -2.21
CA GLY A 33 -11.76 -7.80 -2.95
C GLY A 33 -12.60 -8.83 -2.24
N SER A 34 -12.12 -9.36 -1.11
CA SER A 34 -12.86 -10.34 -0.31
C SER A 34 -13.75 -9.69 0.74
N GLY A 35 -13.86 -8.37 0.74
CA GLY A 35 -14.61 -7.68 1.77
C GLY A 35 -13.88 -7.53 3.09
N LYS A 36 -12.58 -7.19 3.04
CA LYS A 36 -11.83 -6.95 4.27
C LYS A 36 -12.47 -5.85 5.09
N THR A 37 -12.52 -4.63 4.55
CA THR A 37 -13.17 -3.52 5.26
C THR A 37 -14.66 -3.80 5.49
N PHE A 38 -15.28 -4.58 4.60
CA PHE A 38 -16.68 -4.94 4.81
C PHE A 38 -16.85 -5.85 6.01
N VAL A 39 -15.89 -6.77 6.22
CA VAL A 39 -15.94 -7.62 7.39
C VAL A 39 -15.48 -6.87 8.64
N ALA A 40 -14.75 -5.77 8.46
CA ALA A 40 -14.33 -4.97 9.60
C ALA A 40 -15.51 -4.25 10.25
N ILE A 41 -16.42 -3.70 9.45
CA ILE A 41 -17.61 -3.06 10.01
C ILE A 41 -18.58 -4.11 10.52
N LEU A 42 -18.51 -5.34 10.00
CA LEU A 42 -19.35 -6.42 10.50
C LEU A 42 -19.12 -6.64 11.99
N VAL A 43 -17.90 -7.06 12.36
CA VAL A 43 -17.57 -7.27 13.76
C VAL A 43 -17.67 -5.98 14.57
N LEU A 44 -17.45 -4.83 13.93
CA LEU A 44 -17.59 -3.56 14.64
C LEU A 44 -19.06 -3.28 14.97
N LYS A 45 -19.98 -3.78 14.16
CA LYS A 45 -21.40 -3.59 14.45
C LYS A 45 -21.81 -4.40 15.67
N ARG A 46 -21.30 -5.63 15.81
CA ARG A 46 -21.59 -6.44 16.99
C ARG A 46 -20.73 -6.05 18.18
N PHE A 47 -19.73 -5.18 17.98
CA PHE A 47 -18.88 -4.75 19.07
C PHE A 47 -19.59 -3.71 19.94
N SER A 48 -19.91 -2.56 19.35
CA SER A 48 -20.59 -1.50 20.11
C SER A 48 -21.98 -1.91 20.56
N GLN A 49 -22.58 -2.92 19.93
CA GLN A 49 -23.89 -3.41 20.31
C GLN A 49 -23.84 -4.45 21.42
N ASP A 50 -22.64 -4.80 21.89
CA ASP A 50 -22.48 -5.78 22.96
C ASP A 50 -21.69 -5.23 24.13
N PHE A 51 -20.41 -4.89 23.94
CA PHE A 51 -19.60 -4.38 25.03
C PHE A 51 -20.05 -2.99 25.47
N ASP A 52 -20.60 -2.20 24.55
CA ASP A 52 -21.06 -0.86 24.89
C ASP A 52 -22.56 -0.85 25.16
N LYS A 53 -23.36 -1.02 24.11
CA LYS A 53 -24.82 -1.06 24.25
C LYS A 53 -25.25 -2.32 24.99
N PRO A 54 -26.43 -2.28 25.64
CA PRO A 54 -27.44 -1.23 25.80
C PRO A 54 -26.99 -0.09 26.72
N ILE A 55 -25.95 -0.31 27.51
CA ILE A 55 -25.50 0.68 28.48
C ILE A 55 -25.00 1.92 27.74
N GLU A 56 -25.54 3.09 28.10
CA GLU A 56 -25.12 4.34 27.48
C GLU A 56 -23.82 4.84 28.06
N SER A 57 -23.64 4.73 29.38
CA SER A 57 -22.44 5.19 30.06
C SER A 57 -21.20 4.47 29.50
N GLY A 58 -21.11 3.17 29.73
CA GLY A 58 -19.98 2.40 29.22
C GLY A 58 -20.03 2.32 27.70
N GLY A 59 -18.92 2.66 27.06
CA GLY A 59 -18.86 2.64 25.61
C GLY A 59 -17.46 2.32 25.12
N LYS A 60 -17.39 1.97 23.84
CA LYS A 60 -16.12 1.63 23.19
C LYS A 60 -16.00 2.45 21.92
N ARG A 61 -14.92 3.21 21.80
CA ARG A 61 -14.66 4.06 20.64
C ARG A 61 -13.64 3.37 19.75
N ALA A 62 -14.08 2.96 18.56
CA ALA A 62 -13.19 2.29 17.63
C ALA A 62 -12.24 3.29 16.98
N LEU A 63 -10.94 3.01 17.05
CA LEU A 63 -9.92 3.87 16.47
C LEU A 63 -9.12 3.11 15.42
N PHE A 64 -8.51 3.86 14.52
CA PHE A 64 -7.70 3.30 13.44
C PHE A 64 -6.37 4.02 13.40
N MET A 65 -5.28 3.26 13.48
CA MET A 65 -3.93 3.79 13.45
C MET A 65 -3.27 3.37 12.14
N CYS A 66 -2.99 4.34 11.28
CA CYS A 66 -2.37 4.08 9.99
C CYS A 66 -1.48 5.25 9.61
N ASN A 67 -0.42 4.95 8.85
CA ASN A 67 0.51 5.99 8.43
C ASN A 67 0.00 6.79 7.24
N THR A 68 -1.03 6.32 6.55
CA THR A 68 -1.59 7.02 5.41
C THR A 68 -2.76 7.89 5.85
N VAL A 69 -2.70 9.18 5.52
CA VAL A 69 -3.75 10.11 5.89
C VAL A 69 -4.98 9.96 5.00
N GLU A 70 -4.82 9.44 3.78
CA GLU A 70 -5.95 9.26 2.87
C GLU A 70 -6.86 8.11 3.29
N LEU A 71 -6.35 7.15 4.06
CA LEU A 71 -7.15 6.03 4.51
C LEU A 71 -8.02 6.35 5.71
N ALA A 72 -7.86 7.53 6.31
CA ALA A 72 -8.67 7.89 7.47
C ALA A 72 -10.12 8.12 7.08
N ARG A 73 -10.35 8.98 6.08
CA ARG A 73 -11.71 9.25 5.64
C ARG A 73 -12.24 8.12 4.76
N GLN A 74 -11.34 7.34 4.16
CA GLN A 74 -11.72 6.21 3.31
C GLN A 74 -12.57 5.20 4.08
N GLN A 75 -11.98 4.57 5.10
CA GLN A 75 -12.70 3.55 5.85
C GLN A 75 -13.81 4.15 6.70
N ALA A 76 -13.77 5.46 6.93
CA ALA A 76 -14.79 6.14 7.73
C ALA A 76 -16.01 6.54 6.93
N MET A 77 -16.05 6.24 5.63
CA MET A 77 -17.18 6.60 4.78
C MET A 77 -17.83 5.38 4.14
N ALA A 78 -17.11 4.65 3.27
CA ALA A 78 -17.68 3.50 2.60
C ALA A 78 -17.80 2.28 3.51
N VAL A 79 -17.28 2.33 4.73
CA VAL A 79 -17.29 1.19 5.63
C VAL A 79 -17.92 1.58 6.97
N ARG A 80 -17.26 2.47 7.69
CA ARG A 80 -17.72 2.83 9.03
C ARG A 80 -19.03 3.61 8.98
N ARG A 81 -19.15 4.56 8.06
CA ARG A 81 -20.36 5.37 7.96
C ARG A 81 -21.55 4.56 7.47
N CYS A 82 -21.32 3.45 6.75
CA CYS A 82 -22.42 2.61 6.28
C CYS A 82 -23.07 1.84 7.42
N THR A 83 -22.34 1.58 8.51
CA THR A 83 -22.91 0.88 9.64
C THR A 83 -23.86 1.79 10.41
N ASN A 84 -24.74 1.15 11.20
CA ASN A 84 -25.70 1.91 12.00
C ASN A 84 -25.02 2.74 13.07
N PHE A 85 -23.84 2.34 13.52
CA PHE A 85 -23.11 3.09 14.53
C PHE A 85 -22.53 4.36 13.92
N LYS A 86 -22.24 5.33 14.79
CA LYS A 86 -21.68 6.60 14.35
C LYS A 86 -20.24 6.42 13.88
N VAL A 87 -19.82 7.29 12.97
CA VAL A 87 -18.49 7.27 12.41
C VAL A 87 -17.92 8.68 12.38
N GLY A 88 -16.60 8.77 12.26
CA GLY A 88 -15.94 10.07 12.21
C GLY A 88 -14.50 9.89 11.76
N PHE A 89 -13.91 11.02 11.37
CA PHE A 89 -12.53 11.06 10.91
C PHE A 89 -11.84 12.28 11.50
N TYR A 90 -10.68 12.05 12.11
CA TYR A 90 -9.89 13.11 12.73
C TYR A 90 -8.45 12.99 12.27
N VAL A 91 -7.95 14.01 11.59
CA VAL A 91 -6.57 14.00 11.09
C VAL A 91 -5.88 15.33 11.37
N GLY A 92 -4.59 15.40 11.04
CA GLY A 92 -3.81 16.61 11.25
C GLY A 92 -3.61 17.37 9.96
N TRP A 99 -9.51 19.05 18.90
CA TRP A 99 -8.88 18.04 19.74
C TRP A 99 -9.64 16.72 19.68
N THR A 100 -8.94 15.63 19.99
CA THR A 100 -9.53 14.30 19.98
C THR A 100 -10.21 13.94 21.29
N ARG A 101 -10.20 14.83 22.28
CA ARG A 101 -10.85 14.53 23.56
C ARG A 101 -12.36 14.59 23.45
N GLY A 102 -12.89 15.36 22.52
CA GLY A 102 -14.33 15.45 22.36
C GLY A 102 -14.93 14.22 21.70
N MET A 103 -14.25 13.68 20.70
CA MET A 103 -14.74 12.50 20.00
C MET A 103 -14.52 11.22 20.78
N TRP A 104 -13.51 11.17 21.65
CA TRP A 104 -13.22 9.98 22.45
C TRP A 104 -13.90 10.01 23.81
N SER A 105 -14.69 11.04 24.11
CA SER A 105 -15.37 11.12 25.39
C SER A 105 -16.56 10.19 25.41
N ASP A 106 -16.69 9.41 26.49
CA ASP A 106 -17.79 8.47 26.63
C ASP A 106 -19.08 9.13 27.11
N GLU A 107 -19.02 10.36 27.62
CA GLU A 107 -20.23 11.03 28.10
C GLU A 107 -21.07 11.54 26.93
N ILE A 108 -20.43 12.17 25.95
CA ILE A 108 -21.18 12.68 24.80
C ILE A 108 -21.54 11.55 23.83
N LYS A 109 -20.67 10.54 23.72
CA LYS A 109 -20.90 9.40 22.83
C LYS A 109 -21.09 9.85 21.38
N LYS A 110 -20.30 10.83 20.96
CA LYS A 110 -20.37 11.37 19.60
C LYS A 110 -19.19 10.84 18.79
N ASN A 111 -19.50 10.30 17.60
CA ASN A 111 -18.50 9.74 16.68
C ASN A 111 -17.69 8.63 17.37
N GLN A 112 -18.39 7.54 17.64
CA GLN A 112 -17.79 6.37 18.27
C GLN A 112 -16.61 5.84 17.44
N VAL A 113 -16.89 5.33 16.25
CA VAL A 113 -15.84 4.84 15.38
C VAL A 113 -15.07 6.01 14.79
N LEU A 114 -13.75 6.00 14.98
CA LEU A 114 -12.89 7.06 14.48
C LEU A 114 -11.73 6.46 13.70
N VAL A 115 -11.10 7.31 12.88
CA VAL A 115 -9.96 6.91 12.07
C VAL A 115 -9.02 8.09 11.91
N GLY A 116 -7.73 7.82 11.87
CA GLY A 116 -6.76 8.89 11.74
C GLY A 116 -5.35 8.34 11.68
N THR A 117 -4.39 9.22 11.94
CA THR A 117 -2.98 8.87 11.93
C THR A 117 -2.35 9.19 13.27
N ALA A 118 -1.20 8.57 13.52
CA ALA A 118 -0.44 8.74 14.77
C ALA A 118 -1.30 8.41 15.99
N GLN A 119 -2.08 7.33 15.88
CA GLN A 119 -2.96 6.87 16.95
C GLN A 119 -3.91 7.96 17.41
N ALA A 131 -8.47 9.52 28.76
CA ALA A 131 -8.09 8.15 29.10
C ALA A 131 -8.11 7.25 27.87
N LEU A 132 -6.97 6.62 27.58
CA LEU A 132 -6.87 5.73 26.43
C LEU A 132 -7.46 4.35 26.68
N SER A 133 -7.73 3.99 27.94
CA SER A 133 -8.29 2.70 28.28
C SER A 133 -9.81 2.72 28.36
N SER A 134 -10.45 3.86 28.08
CA SER A 134 -11.90 3.93 28.14
C SER A 134 -12.56 3.23 26.97
N LEU A 135 -11.85 3.03 25.86
CA LEU A 135 -12.40 2.38 24.69
C LEU A 135 -12.11 0.88 24.77
N SER A 136 -13.17 0.07 24.79
CA SER A 136 -13.03 -1.37 24.88
C SER A 136 -12.78 -2.02 23.52
N VAL A 137 -12.99 -1.29 22.42
CA VAL A 137 -12.78 -1.81 21.07
C VAL A 137 -11.72 -0.94 20.41
N VAL A 138 -10.57 -1.53 20.11
CA VAL A 138 -9.46 -0.84 19.48
C VAL A 138 -9.00 -1.64 18.28
N ILE A 139 -8.72 -0.95 17.18
CA ILE A 139 -8.27 -1.57 15.94
C ILE A 139 -6.93 -0.97 15.55
N ILE A 140 -6.02 -1.81 15.07
CA ILE A 140 -4.68 -1.40 14.66
C ILE A 140 -4.49 -1.83 13.22
N ASP A 141 -4.32 -0.86 12.32
CA ASP A 141 -4.11 -1.12 10.91
C ASP A 141 -2.62 -1.26 10.62
N GLU A 142 -2.27 -2.30 9.87
CA GLU A 142 -0.88 -2.59 9.51
C GLU A 142 0.01 -2.72 10.75
N CYS A 143 -0.49 -3.50 11.72
CA CYS A 143 0.24 -3.71 12.96
C CYS A 143 1.34 -4.76 12.84
N HIS A 144 1.36 -5.53 11.75
CA HIS A 144 2.38 -6.55 11.55
C HIS A 144 3.73 -5.98 11.14
N HIS A 145 3.79 -4.71 10.73
CA HIS A 145 5.04 -4.09 10.32
C HIS A 145 5.87 -3.61 11.49
N GLY A 146 5.33 -3.61 12.71
CA GLY A 146 6.06 -3.16 13.88
C GLY A 146 7.07 -4.18 14.38
N PRO A 168 -9.92 -4.23 27.37
CA PRO A 168 -10.20 -3.81 26.00
C PRO A 168 -9.88 -4.90 24.98
N ARG A 169 -10.61 -4.90 23.87
CA ARG A 169 -10.41 -5.88 22.80
C ARG A 169 -9.57 -5.26 21.69
N VAL A 170 -8.40 -5.84 21.44
CA VAL A 170 -7.49 -5.35 20.40
C VAL A 170 -7.70 -6.19 19.15
N VAL A 171 -7.79 -5.52 18.00
CA VAL A 171 -7.99 -6.17 16.72
C VAL A 171 -6.91 -5.69 15.77
N GLY A 172 -6.10 -6.63 15.27
CA GLY A 172 -5.04 -6.29 14.34
C GLY A 172 -5.44 -6.45 12.89
N LEU A 173 -4.65 -5.82 12.02
CA LEU A 173 -4.88 -5.85 10.58
C LEU A 173 -3.56 -6.15 9.88
N THR A 174 -3.56 -7.13 8.99
CA THR A 174 -2.37 -7.51 8.27
C THR A 174 -2.76 -8.07 6.90
N GLY A 175 -1.79 -8.10 6.00
CA GLY A 175 -2.01 -8.61 4.66
C GLY A 175 -1.86 -10.12 4.56
N THR A 184 13.33 -17.31 6.62
CA THR A 184 13.15 -18.72 6.92
C THR A 184 11.82 -18.97 7.61
N ASN A 185 11.48 -20.26 7.80
CA ASN A 185 10.23 -20.61 8.46
C ASN A 185 10.29 -20.38 9.97
N VAL A 186 11.45 -20.59 10.59
CA VAL A 186 11.56 -20.38 12.03
C VAL A 186 11.61 -18.88 12.35
N ALA A 187 12.18 -18.09 11.45
CA ALA A 187 12.26 -16.64 11.68
C ALA A 187 10.90 -15.99 11.45
N THR A 188 10.11 -16.52 10.51
CA THR A 188 8.80 -15.94 10.25
C THR A 188 7.80 -16.32 11.34
N LYS A 189 7.92 -17.52 11.89
CA LYS A 189 7.01 -17.94 12.95
C LYS A 189 7.32 -17.23 14.26
N LEU A 190 8.60 -16.94 14.52
CA LEU A 190 8.96 -16.25 15.74
C LEU A 190 8.57 -14.77 15.68
N LYS A 191 8.62 -14.17 14.49
CA LYS A 191 8.24 -12.78 14.35
C LYS A 191 6.73 -12.60 14.45
N GLU A 192 5.97 -13.56 13.91
CA GLU A 192 4.52 -13.46 13.98
C GLU A 192 4.00 -13.75 15.39
N LEU A 193 4.67 -14.64 16.12
CA LEU A 193 4.25 -14.95 17.48
C LEU A 193 4.58 -13.81 18.44
N GLU A 194 5.71 -13.12 18.21
CA GLU A 194 6.08 -12.01 19.07
C GLU A 194 5.17 -10.80 18.84
N ILE A 195 4.71 -10.60 17.60
CA ILE A 195 3.80 -9.49 17.32
C ILE A 195 2.42 -9.76 17.89
N THR A 196 1.98 -11.01 17.88
CA THR A 196 0.68 -11.36 18.42
C THR A 196 0.68 -11.42 19.95
N TYR A 197 1.84 -11.57 20.57
CA TYR A 197 1.92 -11.62 22.03
C TYR A 197 1.77 -10.23 22.64
N ARG A 198 2.73 -9.34 22.38
CA ARG A 198 2.67 -7.99 22.91
C ARG A 198 1.57 -7.16 22.27
N GLY A 199 1.12 -7.53 21.08
CA GLY A 199 0.06 -6.82 20.40
C GLY A 199 -1.35 -7.18 20.81
N ASN A 200 -1.50 -8.03 21.83
CA ASN A 200 -2.81 -8.45 22.35
C ASN A 200 -3.65 -9.10 21.24
N ILE A 201 -3.17 -10.27 20.80
CA ILE A 201 -3.83 -11.06 19.78
C ILE A 201 -3.88 -12.51 20.23
N ILE A 202 -5.01 -13.16 20.00
CA ILE A 202 -5.21 -14.54 20.40
C ILE A 202 -5.67 -15.37 19.20
N THR A 203 -6.89 -15.10 18.73
CA THR A 203 -7.47 -15.83 17.62
C THR A 203 -7.28 -15.02 16.34
N VAL A 204 -6.64 -15.65 15.34
CA VAL A 204 -6.39 -15.02 14.05
C VAL A 204 -7.50 -15.41 13.10
N SER A 205 -8.10 -14.43 12.44
CA SER A 205 -9.19 -14.68 11.51
C SER A 205 -8.64 -15.02 10.14
N ASP A 206 -9.13 -16.12 9.56
CA ASP A 206 -8.70 -16.56 8.24
C ASP A 206 -9.81 -17.41 7.65
N THR A 207 -9.53 -18.04 6.51
CA THR A 207 -10.50 -18.89 5.82
C THR A 207 -10.40 -20.31 6.41
N LYS A 208 -11.50 -20.78 6.97
CA LYS A 208 -11.53 -22.11 7.59
C LYS A 208 -12.71 -22.92 7.07
N GLU A 209 -13.92 -22.49 7.38
CA GLU A 209 -15.14 -23.19 6.97
C GLU A 209 -15.22 -23.35 5.46
N MET A 210 -15.38 -22.24 4.74
CA MET A 210 -15.51 -22.25 3.28
C MET A 210 -14.28 -21.57 2.69
N GLU A 211 -13.44 -22.36 2.02
CA GLU A 211 -12.25 -21.84 1.37
C GLU A 211 -12.50 -21.45 -0.09
N ASN A 212 -13.67 -21.75 -0.63
CA ASN A 212 -13.95 -21.42 -2.03
C ASN A 212 -14.24 -19.95 -2.22
N VAL A 213 -14.72 -19.25 -1.19
CA VAL A 213 -15.03 -17.84 -1.30
C VAL A 213 -13.78 -16.96 -1.30
N MET A 214 -12.61 -17.54 -1.03
CA MET A 214 -11.38 -16.76 -1.03
C MET A 214 -10.91 -16.45 -2.44
N LEU A 215 -10.56 -17.50 -3.21
CA LEU A 215 -10.08 -17.29 -4.57
C LEU A 215 -11.19 -16.83 -5.52
N TYR A 216 -12.46 -16.96 -5.12
CA TYR A 216 -13.55 -16.53 -5.98
C TYR A 216 -13.64 -15.00 -6.02
N ALA A 217 -13.55 -14.36 -4.86
CA ALA A 217 -13.63 -12.91 -4.81
C ALA A 217 -12.33 -12.28 -5.30
N THR A 218 -11.19 -12.79 -4.84
CA THR A 218 -9.88 -12.29 -5.24
C THR A 218 -9.25 -13.30 -6.20
N LYS A 219 -9.11 -12.92 -7.46
CA LYS A 219 -8.54 -13.82 -8.45
C LYS A 219 -7.01 -13.83 -8.32
N PRO A 220 -6.38 -14.99 -8.43
CA PRO A 220 -4.91 -15.04 -8.34
C PRO A 220 -4.26 -14.36 -9.53
N THR A 221 -3.25 -13.53 -9.25
CA THR A 221 -2.57 -12.80 -10.31
C THR A 221 -1.64 -13.73 -11.08
N GLU A 222 -1.80 -13.76 -12.40
CA GLU A 222 -0.96 -14.60 -13.25
C GLU A 222 0.45 -14.02 -13.33
N VAL A 223 1.44 -14.91 -13.25
CA VAL A 223 2.84 -14.52 -13.29
C VAL A 223 3.31 -14.66 -14.74
N MET A 224 3.65 -13.54 -15.36
CA MET A 224 4.15 -13.50 -16.73
C MET A 224 5.62 -13.14 -16.70
N VAL A 225 6.46 -14.01 -17.24
CA VAL A 225 7.90 -13.81 -17.25
C VAL A 225 8.28 -12.98 -18.47
N SER A 226 8.85 -11.80 -18.22
CA SER A 226 9.30 -10.90 -19.28
C SER A 226 10.69 -10.39 -18.93
N PHE A 227 11.67 -10.68 -19.79
CA PHE A 227 13.06 -10.29 -19.57
C PHE A 227 13.55 -9.53 -20.79
N PRO A 228 13.39 -8.20 -20.81
CA PRO A 228 13.89 -7.43 -21.95
C PRO A 228 15.40 -7.35 -21.95
N HIS A 229 15.98 -7.40 -23.16
CA HIS A 229 17.42 -7.37 -23.33
C HIS A 229 17.97 -5.95 -23.46
N GLN A 230 17.12 -4.94 -23.40
CA GLN A 230 17.53 -3.54 -23.51
C GLN A 230 17.73 -2.98 -22.11
N GLU A 231 18.98 -2.67 -21.77
CA GLU A 231 19.30 -2.10 -20.46
C GLU A 231 20.14 -0.85 -20.61
N GLN A 232 21.38 -1.00 -21.08
CA GLN A 232 22.29 0.11 -21.30
C GLN A 232 22.73 0.10 -22.75
N VAL A 233 22.43 1.19 -23.47
CA VAL A 233 22.79 1.28 -24.87
C VAL A 233 24.30 1.46 -25.00
N LEU A 234 24.93 0.59 -25.78
CA LEU A 234 26.37 0.68 -25.98
C LEU A 234 26.75 1.78 -26.97
N THR A 235 25.90 2.03 -27.97
CA THR A 235 26.19 3.06 -28.95
C THR A 235 25.99 4.44 -28.33
N VAL A 236 26.99 5.31 -28.50
CA VAL A 236 26.98 6.67 -27.96
C VAL A 236 26.78 6.63 -26.45
N THR A 237 27.46 5.69 -25.78
CA THR A 237 27.34 5.58 -24.34
C THR A 237 28.09 6.68 -23.61
N ARG A 238 29.15 7.21 -24.20
CA ARG A 238 29.91 8.28 -23.56
C ARG A 238 29.19 9.62 -23.65
N LEU A 239 28.30 9.77 -24.63
CA LEU A 239 27.57 11.03 -24.77
C LEU A 239 26.50 11.17 -23.70
N ILE A 240 25.79 10.08 -23.39
CA ILE A 240 24.76 10.14 -22.36
C ILE A 240 25.38 10.17 -20.97
N SER A 241 26.53 9.52 -20.79
CA SER A 241 27.21 9.50 -19.50
C SER A 241 27.97 10.79 -19.21
N ALA A 242 28.16 11.65 -20.21
CA ALA A 242 28.88 12.90 -19.98
C ALA A 242 28.05 13.87 -19.16
N GLU A 243 26.73 13.89 -19.36
CA GLU A 243 25.88 14.79 -18.60
C GLU A 243 25.72 14.32 -17.15
N ILE A 244 25.72 13.01 -16.92
CA ILE A 244 25.58 12.51 -15.56
C ILE A 244 26.89 12.70 -14.78
N GLU A 245 28.03 12.61 -15.48
CA GLU A 245 29.31 12.79 -14.81
C GLU A 245 29.59 14.24 -14.51
N LYS A 246 29.13 15.14 -15.38
CA LYS A 246 29.35 16.58 -15.15
C LYS A 246 28.43 17.11 -14.05
N PHE A 247 27.23 16.55 -13.93
CA PHE A 247 26.31 17.01 -12.89
C PHE A 247 26.72 16.49 -11.52
N TYR A 248 27.26 15.27 -11.47
CA TYR A 248 27.68 14.70 -10.20
C TYR A 248 28.97 15.33 -9.68
N VAL A 249 29.85 15.77 -10.58
CA VAL A 249 31.10 16.39 -10.17
C VAL A 249 30.98 17.89 -9.95
N SER A 250 29.79 18.45 -10.16
CA SER A 250 29.56 19.88 -9.96
C SER A 250 29.17 20.23 -8.53
N LEU A 251 29.02 19.24 -7.65
CA LEU A 251 28.66 19.48 -6.26
C LEU A 251 29.86 19.94 -5.45
N ILE A 295 24.17 21.55 1.52
CA ILE A 295 24.48 20.29 2.17
C ILE A 295 23.42 19.26 1.85
N TYR A 296 22.33 19.27 2.61
CA TYR A 296 21.25 18.31 2.37
C TYR A 296 20.45 18.67 1.14
N ALA A 297 20.27 19.97 0.86
CA ALA A 297 19.51 20.38 -0.31
C ALA A 297 20.29 20.13 -1.60
N ALA A 298 21.61 20.30 -1.55
CA ALA A 298 22.44 20.08 -2.73
C ALA A 298 22.60 18.60 -3.01
N SER A 299 22.61 17.76 -1.96
CA SER A 299 22.74 16.32 -2.16
C SER A 299 21.44 15.70 -2.64
N ILE A 300 20.30 16.21 -2.19
CA ILE A 300 19.02 15.67 -2.62
C ILE A 300 18.74 16.03 -4.08
N ALA A 301 19.19 17.21 -4.51
CA ALA A 301 19.00 17.59 -5.91
C ALA A 301 19.94 16.82 -6.83
N ILE A 302 21.13 16.47 -6.34
CA ILE A 302 22.06 15.69 -7.15
C ILE A 302 21.64 14.22 -7.20
N ILE A 303 21.07 13.71 -6.10
CA ILE A 303 20.62 12.33 -6.09
C ILE A 303 19.36 12.17 -6.94
N SER A 304 18.52 13.20 -6.99
CA SER A 304 17.32 13.14 -7.82
C SER A 304 17.66 13.19 -9.30
N LEU A 305 18.68 13.96 -9.67
CA LEU A 305 19.09 14.02 -11.07
C LEU A 305 19.83 12.75 -11.49
N ILE A 306 20.58 12.14 -10.57
CA ILE A 306 21.28 10.90 -10.88
C ILE A 306 20.30 9.74 -10.99
N VAL A 307 19.25 9.74 -10.16
CA VAL A 307 18.24 8.69 -10.23
C VAL A 307 17.39 8.86 -11.49
N GLU A 308 17.13 10.11 -11.88
CA GLU A 308 16.37 10.36 -13.10
C GLU A 308 17.16 10.04 -14.35
N PHE A 309 18.47 10.29 -14.35
CA PHE A 309 19.30 9.96 -15.50
C PHE A 309 19.50 8.46 -15.64
N ASP A 310 19.56 7.75 -14.51
CA ASP A 310 19.68 6.29 -14.55
C ASP A 310 18.39 5.63 -15.00
N ILE A 311 17.24 6.21 -14.62
CA ILE A 311 15.96 5.68 -15.06
C ILE A 311 15.72 6.01 -16.52
N LYS A 312 16.18 7.19 -16.96
CA LYS A 312 16.04 7.57 -18.35
C LYS A 312 17.01 6.83 -19.26
N ARG A 313 18.12 6.33 -18.71
CA ARG A 313 19.08 5.59 -19.52
C ARG A 313 18.50 4.26 -19.99
N ARG A 314 17.80 3.54 -19.09
CA ARG A 314 17.17 2.29 -19.48
C ARG A 314 15.92 2.55 -20.33
N GLN A 315 15.28 3.70 -20.11
CA GLN A 315 14.09 4.03 -20.91
C GLN A 315 14.48 4.53 -22.29
N ALA A 316 15.71 5.00 -22.47
CA ALA A 316 16.14 5.48 -23.77
C ALA A 316 16.31 4.33 -24.76
N GLU A 317 16.60 3.13 -24.26
CA GLU A 317 16.75 1.98 -25.15
C GLU A 317 15.41 1.55 -25.71
N THR A 318 14.36 1.57 -24.88
CA THR A 318 13.03 1.20 -25.37
C THR A 318 12.46 2.29 -26.28
N LEU A 319 12.50 3.54 -25.82
CA LEU A 319 12.02 4.67 -26.60
C LEU A 319 13.09 5.76 -26.57
N SER A 320 13.65 6.07 -27.73
CA SER A 320 14.75 7.03 -27.83
C SER A 320 14.37 8.42 -27.32
N VAL A 321 13.50 9.11 -28.05
CA VAL A 321 13.17 10.51 -27.76
C VAL A 321 11.92 10.66 -26.93
N LYS A 322 11.25 9.57 -26.56
CA LYS A 322 10.00 9.68 -25.82
C LYS A 322 10.24 9.96 -24.34
N LEU A 323 10.81 8.99 -23.63
CA LEU A 323 11.01 9.13 -22.19
C LEU A 323 12.29 9.87 -21.83
N MET A 324 13.20 10.08 -22.78
CA MET A 324 14.44 10.78 -22.48
C MET A 324 14.21 12.29 -22.35
N HIS A 325 13.46 12.87 -23.30
CA HIS A 325 13.22 14.31 -23.25
C HIS A 325 12.14 14.65 -22.23
N ARG A 326 11.28 13.69 -21.91
CA ARG A 326 10.21 13.95 -20.94
C ARG A 326 10.73 13.94 -19.51
N THR A 327 11.61 13.00 -19.19
CA THR A 327 12.13 12.91 -17.83
C THR A 327 13.13 14.03 -17.54
N ALA A 328 13.82 14.51 -18.58
CA ALA A 328 14.81 15.57 -18.39
C ALA A 328 14.14 16.93 -18.23
N LEU A 329 13.03 17.14 -18.94
CA LEU A 329 12.34 18.43 -18.85
C LEU A 329 11.52 18.53 -17.58
N THR A 330 10.96 17.42 -17.11
CA THR A 330 10.14 17.46 -15.90
C THR A 330 11.00 17.59 -14.64
N LEU A 331 12.19 17.00 -14.65
CA LEU A 331 13.06 17.08 -13.48
C LEU A 331 13.70 18.46 -13.36
N CYS A 332 13.99 19.10 -14.49
CA CYS A 332 14.60 20.42 -14.46
C CYS A 332 13.58 21.50 -14.15
N GLU A 333 12.33 21.32 -14.58
CA GLU A 333 11.30 22.32 -14.32
C GLU A 333 10.82 22.25 -12.87
N LYS A 334 10.81 21.06 -12.28
CA LYS A 334 10.35 20.92 -10.90
C LYS A 334 11.37 21.50 -9.93
N ILE A 335 12.65 21.39 -10.25
CA ILE A 335 13.69 21.93 -9.36
C ILE A 335 13.79 23.44 -9.51
N ARG A 336 13.52 23.98 -10.70
CA ARG A 336 13.60 25.41 -10.91
C ARG A 336 12.38 26.14 -10.35
N HIS A 337 11.22 25.51 -10.36
CA HIS A 337 10.00 26.12 -9.84
C HIS A 337 9.81 25.91 -8.35
N LEU A 338 10.62 25.07 -7.72
CA LEU A 338 10.48 24.84 -6.28
C LEU A 338 11.04 26.00 -5.48
N LEU A 339 12.18 26.54 -5.91
CA LEU A 339 12.80 27.67 -5.22
C LEU A 339 13.57 28.50 -6.23
N VAL A 340 13.69 29.79 -5.93
CA VAL A 340 14.39 30.75 -6.78
C VAL A 340 15.70 31.09 -6.08
N GLN A 341 16.81 30.67 -6.68
CA GLN A 341 18.13 30.93 -6.12
C GLN A 341 19.14 31.04 -7.27
N LYS A 342 20.16 31.87 -7.05
CA LYS A 342 21.18 32.06 -8.06
C LYS A 342 22.15 30.88 -8.16
N LEU A 343 22.34 30.13 -7.09
CA LEU A 343 23.24 28.98 -7.13
C LEU A 343 22.62 27.80 -7.86
N GLN A 344 21.34 27.52 -7.60
CA GLN A 344 20.65 26.41 -8.26
C GLN A 344 20.18 26.74 -9.66
N ASP A 345 20.23 28.02 -10.07
CA ASP A 345 19.79 28.39 -11.41
C ASP A 345 20.78 27.93 -12.46
N MET A 346 22.07 27.90 -12.14
CA MET A 346 23.08 27.47 -13.12
C MET A 346 23.03 25.97 -13.35
N THR A 347 22.74 25.18 -12.31
CA THR A 347 22.68 23.73 -12.46
C THR A 347 21.38 23.30 -13.11
N TYR A 348 20.29 24.03 -12.88
CA TYR A 348 19.00 23.65 -13.45
C TYR A 348 18.90 24.02 -14.93
N ASP A 349 19.44 25.18 -15.30
CA ASP A 349 19.36 25.62 -16.70
C ASP A 349 20.30 24.81 -17.59
N ASP A 350 21.50 24.48 -17.09
CA ASP A 350 22.46 23.73 -17.88
C ASP A 350 22.08 22.27 -18.04
N ASP A 351 21.42 21.68 -17.05
CA ASP A 351 21.02 20.27 -17.16
C ASP A 351 19.86 20.10 -18.12
N ASP A 352 19.04 21.15 -18.30
CA ASP A 352 17.91 21.05 -19.21
C ASP A 352 18.34 21.19 -20.67
N ASP A 353 19.29 22.08 -20.96
CA ASP A 353 19.72 22.30 -22.33
C ASP A 353 20.67 21.20 -22.80
N ASN A 354 21.47 20.65 -21.89
CA ASN A 354 22.44 19.62 -22.29
C ASN A 354 21.75 18.28 -22.52
N VAL A 355 20.76 17.94 -21.68
CA VAL A 355 20.08 16.66 -21.82
C VAL A 355 19.13 16.68 -23.01
N ASN A 356 18.53 17.83 -23.32
CA ASN A 356 17.61 17.91 -24.44
C ASN A 356 18.35 17.86 -25.78
N THR A 357 19.57 18.42 -25.81
CA THR A 357 20.34 18.41 -27.05
C THR A 357 20.95 17.04 -27.32
N GLU A 358 21.31 16.31 -26.25
CA GLU A 358 21.90 14.99 -26.43
C GLU A 358 20.85 13.92 -26.73
N GLU A 359 19.63 14.09 -26.23
CA GLU A 359 18.56 13.14 -26.46
C GLU A 359 17.69 13.50 -27.66
N VAL A 360 18.02 14.58 -28.38
CA VAL A 360 17.23 14.97 -29.53
C VAL A 360 17.41 14.00 -30.70
N ILE A 361 18.54 13.32 -30.78
CA ILE A 361 18.79 12.36 -31.85
C ILE A 361 18.08 11.05 -31.53
N MET A 362 17.30 10.58 -32.50
CA MET A 362 16.55 9.33 -32.32
C MET A 362 17.17 8.20 -33.13
N CYS A 389 -8.94 0.72 -16.77
CA CYS A 389 -7.98 1.21 -15.78
C CYS A 389 -6.92 0.17 -15.48
N CYS A 390 -5.77 0.61 -14.99
CA CYS A 390 -4.67 -0.28 -14.66
C CYS A 390 -3.80 0.38 -13.60
N LEU A 391 -3.00 -0.44 -12.92
CA LEU A 391 -2.10 0.01 -11.88
C LEU A 391 -0.66 -0.24 -12.29
N VAL A 392 0.24 0.60 -11.79
CA VAL A 392 1.66 0.50 -12.08
C VAL A 392 2.45 1.00 -10.88
N PHE A 393 3.63 0.42 -10.68
CA PHE A 393 4.50 0.80 -9.57
C PHE A 393 5.92 0.93 -10.08
N VAL A 394 6.55 2.07 -9.80
CA VAL A 394 7.93 2.34 -10.22
C VAL A 394 8.55 3.32 -9.24
N GLU A 395 9.89 3.36 -9.23
CA GLU A 395 10.60 4.25 -8.33
C GLU A 395 10.58 5.69 -8.84
N ARG A 396 10.65 5.88 -10.16
CA ARG A 396 10.64 7.20 -10.77
C ARG A 396 9.31 7.41 -11.48
N ARG A 397 8.61 8.48 -11.10
CA ARG A 397 7.32 8.79 -11.71
C ARG A 397 7.45 9.46 -13.08
N TYR A 398 8.66 9.84 -13.49
CA TYR A 398 8.84 10.47 -14.79
C TYR A 398 8.73 9.45 -15.93
N THR A 399 9.11 8.20 -15.68
CA THR A 399 9.00 7.18 -16.72
C THR A 399 7.56 6.77 -16.95
N CYS A 400 6.74 6.74 -15.90
CA CYS A 400 5.34 6.36 -16.05
C CYS A 400 4.54 7.49 -16.69
N LYS A 401 4.91 8.74 -16.43
CA LYS A 401 4.18 9.86 -17.02
C LYS A 401 4.55 10.04 -18.48
N CYS A 402 5.74 9.58 -18.88
CA CYS A 402 6.16 9.69 -20.28
C CYS A 402 5.49 8.62 -21.14
N ILE A 403 5.27 7.43 -20.57
CA ILE A 403 4.63 6.36 -21.33
C ILE A 403 3.13 6.62 -21.46
N TYR A 404 2.52 7.18 -20.42
CA TYR A 404 1.09 7.47 -20.49
C TYR A 404 0.82 8.72 -21.31
N GLY A 405 1.76 9.66 -21.33
CA GLY A 405 1.57 10.88 -22.11
C GLY A 405 1.76 10.65 -23.59
N LEU A 406 2.72 9.79 -23.96
CA LEU A 406 2.96 9.52 -25.38
C LEU A 406 1.88 8.62 -25.96
N LEU A 407 1.28 7.75 -25.14
CA LEU A 407 0.23 6.86 -25.64
C LEU A 407 -1.09 7.58 -25.84
N LEU A 408 -1.36 8.62 -25.06
CA LEU A 408 -2.58 9.39 -25.16
C LEU A 408 -2.50 10.53 -26.15
N ASN A 409 -1.31 10.80 -26.70
CA ASN A 409 -1.12 11.88 -27.67
C ASN A 409 -0.93 11.32 -29.07
N TYR A 410 0.16 10.60 -29.31
CA TYR A 410 0.43 10.03 -30.63
C TYR A 410 -0.46 8.80 -30.86
N ILE A 411 -1.09 8.76 -32.03
CA ILE A 411 -1.97 7.66 -32.38
C ILE A 411 -1.14 6.44 -32.80
N LYS A 443 -4.80 20.73 -4.00
CA LYS A 443 -5.89 20.94 -4.94
C LYS A 443 -5.83 19.96 -6.10
N TRP A 444 -4.60 19.61 -6.51
CA TRP A 444 -4.41 18.67 -7.61
C TRP A 444 -4.68 17.23 -7.20
N GLN A 445 -4.66 16.92 -5.89
CA GLN A 445 -4.90 15.56 -5.45
C GLN A 445 -6.38 15.19 -5.54
N LYS A 446 -7.27 16.17 -5.38
CA LYS A 446 -8.70 15.89 -5.47
C LYS A 446 -9.13 15.66 -6.91
N SER A 447 -8.56 16.40 -7.85
CA SER A 447 -8.93 16.23 -9.25
C SER A 447 -8.29 14.99 -9.86
N ALA A 448 -7.14 14.56 -9.35
CA ALA A 448 -6.49 13.37 -9.88
C ALA A 448 -7.18 12.10 -9.37
N ILE A 449 -7.63 12.11 -8.12
CA ILE A 449 -8.30 10.94 -7.57
C ILE A 449 -9.71 10.81 -8.12
N GLN A 450 -10.30 11.92 -8.56
CA GLN A 450 -11.66 11.87 -9.10
C GLN A 450 -11.68 11.23 -10.48
N GLN A 451 -10.62 11.40 -11.26
CA GLN A 451 -10.51 10.83 -12.60
C GLN A 451 -9.80 9.49 -12.62
N PHE A 452 -9.37 8.98 -11.46
CA PHE A 452 -8.66 7.72 -11.37
C PHE A 452 -9.58 6.56 -11.00
N ARG A 453 -10.15 6.59 -9.80
CA ARG A 453 -11.03 5.50 -9.36
C ARG A 453 -12.33 5.44 -10.15
N ASP A 454 -12.72 6.54 -10.80
CA ASP A 454 -13.94 6.55 -11.59
C ASP A 454 -13.81 5.78 -12.90
N GLY A 455 -12.60 5.47 -13.33
CA GLY A 455 -12.38 4.73 -14.56
C GLY A 455 -11.93 5.56 -15.74
N ASN A 456 -11.73 6.86 -15.57
CA ASN A 456 -11.28 7.71 -16.67
C ASN A 456 -9.79 7.61 -16.92
N ALA A 457 -9.01 7.13 -15.96
CA ALA A 457 -7.57 6.99 -16.10
C ALA A 457 -7.22 5.53 -16.35
N ASN A 458 -6.58 5.26 -17.48
CA ASN A 458 -6.19 3.90 -17.84
C ASN A 458 -4.84 3.49 -17.25
N LEU A 459 -4.09 4.43 -16.69
CA LEU A 459 -2.80 4.13 -16.08
C LEU A 459 -2.64 4.92 -14.79
N MET A 460 -2.12 4.26 -13.77
CA MET A 460 -1.91 4.89 -12.46
C MET A 460 -0.55 4.51 -11.93
N ILE A 461 0.23 5.51 -11.52
CA ILE A 461 1.57 5.30 -10.98
C ILE A 461 1.52 5.53 -9.48
N CYS A 462 1.92 4.52 -8.72
CA CYS A 462 1.93 4.57 -7.26
C CYS A 462 3.36 4.53 -6.74
N SER A 463 3.49 4.56 -5.42
CA SER A 463 4.80 4.52 -4.78
C SER A 463 4.85 3.41 -3.73
N SER A 464 5.96 3.33 -2.99
CA SER A 464 6.09 2.31 -1.96
C SER A 464 5.12 2.56 -0.82
N VAL A 465 4.94 3.82 -0.43
CA VAL A 465 4.01 4.14 0.65
C VAL A 465 2.57 4.12 0.14
N LEU A 466 2.36 4.32 -1.16
CA LEU A 466 1.03 4.32 -1.75
C LEU A 466 0.60 2.94 -2.24
N GLU A 467 1.42 1.92 -2.05
CA GLU A 467 1.10 0.58 -2.50
C GLU A 467 0.21 -0.18 -1.53
N GLU A 468 -0.13 0.41 -0.38
CA GLU A 468 -1.00 -0.21 0.60
C GLU A 468 -2.18 0.68 0.89
N GLY A 469 -3.35 0.07 1.08
CA GLY A 469 -4.56 0.81 1.36
C GLY A 469 -5.03 1.65 0.19
N ILE A 470 -5.18 1.03 -0.98
CA ILE A 470 -5.62 1.72 -2.19
C ILE A 470 -6.86 1.01 -2.72
N ASP A 471 -7.59 1.73 -3.58
CA ASP A 471 -8.81 1.22 -4.19
C ASP A 471 -8.77 1.51 -5.68
N VAL A 472 -8.94 0.47 -6.50
CA VAL A 472 -8.93 0.59 -7.95
C VAL A 472 -10.18 -0.09 -8.49
N GLN A 473 -10.80 0.54 -9.48
CA GLN A 473 -12.01 0.03 -10.12
C GLN A 473 -11.71 -0.35 -11.56
N ALA A 474 -12.14 -1.56 -11.96
CA ALA A 474 -11.93 -2.08 -13.30
C ALA A 474 -10.45 -2.09 -13.68
N CYS A 475 -9.63 -2.67 -12.79
CA CYS A 475 -8.20 -2.76 -13.01
C CYS A 475 -7.91 -3.86 -14.02
N ASN A 476 -7.20 -3.52 -15.09
CA ASN A 476 -6.87 -4.50 -16.13
C ASN A 476 -5.75 -5.43 -15.69
N HIS A 477 -4.73 -4.88 -15.03
CA HIS A 477 -3.56 -5.63 -14.58
C HIS A 477 -2.67 -4.68 -13.79
N VAL A 478 -1.65 -5.24 -13.16
CA VAL A 478 -0.68 -4.49 -12.37
C VAL A 478 0.71 -4.79 -12.91
N PHE A 479 1.49 -3.73 -13.16
CA PHE A 479 2.83 -3.85 -13.69
C PHE A 479 3.83 -3.19 -12.75
N ILE A 480 5.09 -3.59 -12.88
CA ILE A 480 6.17 -3.05 -12.07
C ILE A 480 7.40 -2.90 -12.95
N LEU A 481 8.10 -1.77 -12.80
CA LEU A 481 9.29 -1.50 -13.60
C LEU A 481 10.55 -1.74 -12.77
N ASP A 482 10.82 -0.84 -11.82
CA ASP A 482 11.99 -0.94 -10.96
C ASP A 482 11.59 -0.57 -9.54
N PRO A 483 10.92 -1.48 -8.82
CA PRO A 483 10.48 -1.24 -7.45
C PRO A 483 10.75 -2.43 -6.52
N PHE A 487 7.59 -13.48 -3.15
CA PHE A 487 6.27 -13.26 -2.60
C PHE A 487 6.25 -12.06 -1.65
N ASN A 488 7.36 -11.31 -1.65
CA ASN A 488 7.46 -10.14 -0.78
C ASN A 488 6.68 -8.96 -1.37
N MET A 489 7.14 -8.43 -2.51
CA MET A 489 6.44 -7.31 -3.13
C MET A 489 5.21 -7.77 -3.91
N TYR A 490 5.12 -9.07 -4.21
CA TYR A 490 3.98 -9.63 -4.91
C TYR A 490 2.67 -9.37 -4.17
N VAL A 491 2.53 -9.96 -2.98
CA VAL A 491 1.32 -9.78 -2.20
C VAL A 491 1.21 -8.38 -1.63
N GLN A 492 2.33 -7.66 -1.52
CA GLN A 492 2.28 -6.30 -0.97
C GLN A 492 1.66 -5.34 -1.97
N SER A 493 2.07 -5.43 -3.24
CA SER A 493 1.51 -4.54 -4.26
C SER A 493 0.11 -4.95 -4.68
N LYS A 494 -0.16 -6.25 -4.78
CA LYS A 494 -1.48 -6.72 -5.17
C LYS A 494 -2.47 -6.70 -4.01
N GLY A 495 -2.00 -6.55 -2.78
CA GLY A 495 -2.89 -6.51 -1.63
C GLY A 495 -3.67 -5.24 -1.47
N ARG A 496 -3.27 -4.15 -2.13
CA ARG A 496 -3.97 -2.89 -2.07
C ARG A 496 -5.41 -3.03 -2.54
N ALA A 497 -5.60 -3.33 -3.83
CA ALA A 497 -6.92 -3.50 -4.42
C ALA A 497 -6.94 -4.77 -5.25
N ARG A 498 -8.15 -5.21 -5.60
CA ARG A 498 -8.35 -6.41 -6.39
C ARG A 498 -8.69 -6.04 -7.83
N THR A 499 -8.21 -6.85 -8.76
CA THR A 499 -8.43 -6.64 -10.18
C THR A 499 -9.39 -7.69 -10.73
N THR A 500 -10.19 -7.28 -11.72
CA THR A 500 -11.14 -8.21 -12.32
C THR A 500 -10.44 -9.26 -13.18
N GLU A 501 -9.40 -8.86 -13.91
CA GLU A 501 -8.65 -9.77 -14.76
C GLU A 501 -7.53 -10.42 -13.95
N ALA A 502 -7.40 -11.74 -14.07
CA ALA A 502 -6.37 -12.47 -13.36
C ALA A 502 -5.00 -12.40 -14.03
N LYS A 503 -4.93 -11.91 -15.26
CA LYS A 503 -3.66 -11.81 -15.96
C LYS A 503 -2.89 -10.57 -15.53
N PHE A 504 -1.59 -10.73 -15.31
CA PHE A 504 -0.72 -9.65 -14.90
C PHE A 504 0.64 -9.80 -15.57
N VAL A 505 1.22 -8.68 -15.99
CA VAL A 505 2.51 -8.66 -16.65
C VAL A 505 3.45 -7.75 -15.88
N LEU A 506 4.75 -7.96 -16.10
CA LEU A 506 5.79 -7.18 -15.45
C LEU A 506 6.79 -6.72 -16.50
N PHE A 507 7.03 -5.41 -16.55
CA PHE A 507 7.96 -4.84 -17.52
C PHE A 507 9.38 -4.87 -16.97
N THR A 508 10.33 -5.16 -17.85
CA THR A 508 11.74 -5.22 -17.47
C THR A 508 12.62 -4.50 -18.48
N LYS A 511 18.35 -14.24 -19.05
CA LYS A 511 19.31 -13.26 -18.56
C LYS A 511 19.07 -12.94 -17.09
N GLU A 512 17.84 -12.54 -16.75
CA GLU A 512 17.47 -12.20 -15.39
C GLU A 512 16.21 -12.96 -15.02
N ARG A 513 15.95 -13.02 -13.71
CA ARG A 513 14.79 -13.70 -13.13
C ARG A 513 14.85 -15.17 -13.56
N GLU A 514 13.82 -15.70 -14.22
CA GLU A 514 13.79 -17.09 -14.69
C GLU A 514 13.91 -18.00 -13.47
N LYS A 515 14.89 -18.91 -13.40
CA LYS A 515 14.99 -19.80 -12.25
C LYS A 515 15.54 -19.08 -11.03
N THR A 516 16.18 -17.93 -11.21
CA THR A 516 16.72 -17.20 -10.08
C THR A 516 15.60 -16.57 -9.25
N ILE A 517 14.60 -16.00 -9.91
CA ILE A 517 13.48 -15.39 -9.20
C ILE A 517 12.49 -16.45 -8.72
N GLN A 518 12.56 -17.67 -9.29
CA GLN A 518 11.65 -18.72 -8.88
C GLN A 518 11.98 -19.23 -7.49
N GLN A 519 13.27 -19.32 -7.15
CA GLN A 519 13.67 -19.80 -5.84
C GLN A 519 13.51 -18.71 -4.78
N ILE A 520 13.85 -17.47 -5.11
CA ILE A 520 13.74 -16.37 -4.14
C ILE A 520 12.28 -16.05 -3.87
N TYR A 521 11.50 -15.81 -4.93
CA TYR A 521 10.08 -15.51 -4.79
C TYR A 521 9.29 -16.81 -4.73
N GLN A 522 7.96 -16.70 -4.78
CA GLN A 522 7.05 -17.85 -4.71
C GLN A 522 7.27 -18.62 -3.41
N TYR A 523 7.31 -17.89 -2.30
CA TYR A 523 7.51 -18.48 -0.99
C TYR A 523 6.20 -18.86 -0.30
N ARG A 524 5.06 -18.70 -0.98
CA ARG A 524 3.77 -19.03 -0.39
C ARG A 524 3.61 -20.51 -0.09
N LYS A 525 4.45 -21.36 -0.68
CA LYS A 525 4.37 -22.79 -0.38
C LYS A 525 4.75 -23.07 1.07
N ALA A 526 5.92 -22.59 1.50
CA ALA A 526 6.34 -22.77 2.89
C ALA A 526 5.68 -21.76 3.81
N HIS A 527 5.18 -20.65 3.28
CA HIS A 527 4.53 -19.65 4.12
C HIS A 527 3.10 -20.05 4.48
N ASN A 528 2.51 -20.98 3.72
CA ASN A 528 1.15 -21.42 4.02
C ASN A 528 1.12 -22.27 5.28
N ASP A 529 2.12 -23.13 5.46
CA ASP A 529 2.19 -23.96 6.66
C ASP A 529 2.55 -23.16 7.90
N ILE A 530 3.30 -22.07 7.74
CA ILE A 530 3.67 -21.25 8.89
C ILE A 530 2.51 -20.35 9.30
N ALA A 531 1.73 -19.88 8.33
CA ALA A 531 0.60 -19.02 8.64
C ALA A 531 -0.56 -19.84 9.19
N GLU A 532 -0.73 -21.07 8.73
CA GLU A 532 -1.82 -21.91 9.23
C GLU A 532 -1.53 -22.40 10.64
N TYR A 533 -0.26 -22.67 10.95
CA TYR A 533 0.09 -23.13 12.29
C TYR A 533 -0.06 -22.03 13.32
N LEU A 534 0.22 -20.78 12.94
CA LEU A 534 0.09 -19.67 13.88
C LEU A 534 -1.36 -19.25 14.06
N LYS A 535 -2.20 -19.37 13.02
CA LYS A 535 -3.59 -19.00 13.11
C LYS A 535 -4.44 -20.06 13.80
N ASP A 536 -3.97 -21.30 13.86
CA ASP A 536 -4.70 -22.39 14.50
C ASP A 536 -4.35 -22.53 15.98
N ARG A 537 -3.43 -21.72 16.49
CA ARG A 537 -3.07 -21.81 17.91
C ARG A 537 -4.19 -21.26 18.77
N VAL A 538 -4.56 -22.02 19.81
CA VAL A 538 -5.63 -21.62 20.71
C VAL A 538 -5.10 -20.59 21.70
N LEU A 539 -5.97 -20.13 22.61
CA LEU A 539 -5.57 -19.15 23.61
C LEU A 539 -4.72 -19.74 24.73
N GLU A 540 -4.56 -21.06 24.78
CA GLU A 540 -3.75 -21.66 25.82
C GLU A 540 -2.26 -21.43 25.56
N LYS A 541 -1.83 -21.65 24.32
CA LYS A 541 -0.41 -21.45 24.00
C LYS A 541 -0.06 -19.98 23.89
N THR A 542 -1.04 -19.12 23.56
CA THR A 542 -0.76 -17.70 23.43
C THR A 542 -0.68 -17.01 24.79
N GLU A 543 -1.44 -17.48 25.77
CA GLU A 543 -1.42 -16.90 27.11
C GLU A 543 -0.07 -17.13 27.78
N PRO A 544 0.48 -18.35 27.68
CA PRO A 544 1.78 -18.60 28.31
C PRO A 544 2.93 -17.87 27.63
N GLU A 545 2.81 -17.58 26.34
CA GLU A 545 3.89 -16.87 25.65
C GLU A 545 3.86 -15.38 25.96
N LEU A 546 2.65 -14.81 26.10
CA LEU A 546 2.53 -13.39 26.39
C LEU A 546 2.80 -13.08 27.86
N TYR A 547 2.44 -14.01 28.76
CA TYR A 547 2.67 -13.77 30.18
C TYR A 547 4.15 -13.88 30.54
N GLU A 548 4.87 -14.81 29.90
CA GLU A 548 6.29 -14.98 30.19
C GLU A 548 7.13 -13.86 29.57
N ILE A 549 6.71 -13.32 28.43
CA ILE A 549 7.45 -12.25 27.77
C ILE A 549 6.99 -10.88 28.20
N LYS A 550 6.04 -10.78 29.12
CA LYS A 550 5.56 -9.48 29.58
C LYS A 550 6.58 -8.76 30.45
N GLY A 551 7.51 -9.49 31.08
CA GLY A 551 8.51 -8.88 31.92
C GLY A 551 9.64 -8.21 31.17
N HIS A 552 9.77 -8.46 29.87
CA HIS A 552 10.82 -7.85 29.08
C HIS A 552 10.45 -6.44 28.65
#